data_2YCJ
#
_entry.id   2YCJ
#
_cell.length_a   64.702
_cell.length_b   64.702
_cell.length_c   177.302
_cell.angle_alpha   90.00
_cell.angle_beta   90.00
_cell.angle_gamma   90.00
#
_symmetry.space_group_name_H-M   'P 43 21 2'
#
loop_
_entity.id
_entity.type
_entity.pdbx_description
1 polymer '5-METHYLTETRAHYDROFOLATE CORRINOID/IRON SULFUR PROTEIN METHYLTRANSFERASE'
2 non-polymer 'SULFATE ION'
3 non-polymer GLYCEROL
4 non-polymer '5-METHYL-5,6,7,8-TETRAHYDROFOLIC ACID'
5 water water
#
_entity_poly.entity_id   1
_entity_poly.type   'polypeptide(L)'
_entity_poly.pdbx_seq_one_letter_code
;GLVPRGSHMFIMIGERINGMFKDIREAILNKDPRPIQEWARRQAEKGAHYLDVNTGPTADDPVRVMEWLVKTIQEVVDLP
CCLDSTNPDAIEAGLKVHRGHAMINSTSADQWKMDIFFPMAKKYEAAIIGLTMNEKGVPKDANDRSQLAMELVANADAHG
IPMTELYIDPLILPVNVAQEHAVEVLETIRQIKLMANPAPRTVLGLSNVSQKCPDRPLINRTYLVMAMTAGLDAAIMDVD
DDALVDAAATAHILLNKEIYCDSYLKTFRQK
;
_entity_poly.pdbx_strand_id   A
#
loop_
_chem_comp.id
_chem_comp.type
_chem_comp.name
_chem_comp.formula
C2F non-polymer '5-METHYL-5,6,7,8-TETRAHYDROFOLIC ACID' 'C20 H25 N7 O6'
GOL non-polymer GLYCEROL 'C3 H8 O3'
SO4 non-polymer 'SULFATE ION' 'O4 S -2'
#
# COMPACT_ATOMS: atom_id res chain seq x y z
N GLY A 1 -4.14 -18.71 -15.18
CA GLY A 1 -2.95 -19.17 -14.49
C GLY A 1 -2.02 -18.02 -14.18
N LEU A 2 -0.71 -18.29 -14.16
CA LEU A 2 0.28 -17.30 -13.77
C LEU A 2 0.71 -16.34 -14.88
N VAL A 3 0.20 -16.51 -16.10
CA VAL A 3 0.48 -15.53 -17.14
C VAL A 3 -0.43 -14.35 -16.88
N PRO A 4 0.15 -13.18 -16.57
CA PRO A 4 -0.69 -12.02 -16.22
C PRO A 4 -1.51 -11.53 -17.41
N ARG A 5 -2.79 -11.25 -17.19
CA ARG A 5 -3.62 -10.70 -18.27
C ARG A 5 -3.25 -9.24 -18.61
N GLY A 6 -2.85 -8.47 -17.60
CA GLY A 6 -2.43 -7.09 -17.81
C GLY A 6 -0.94 -6.83 -17.91
N SER A 7 -0.61 -5.69 -18.51
CA SER A 7 0.73 -5.08 -18.54
C SER A 7 0.99 -3.91 -17.57
N HIS A 8 0.05 -3.59 -16.69
CA HIS A 8 0.21 -2.42 -15.82
C HIS A 8 1.53 -2.39 -15.04
N MET A 9 2.15 -1.22 -14.97
CA MET A 9 3.36 -1.06 -14.16
C MET A 9 3.06 -1.43 -12.69
N PHE A 10 4.04 -2.03 -12.02
CA PHE A 10 3.92 -2.32 -10.59
C PHE A 10 3.87 -1.01 -9.79
N ILE A 11 2.95 -0.91 -8.84
CA ILE A 11 2.76 0.34 -8.08
C ILE A 11 3.53 0.34 -6.75
N MET A 12 4.53 1.21 -6.65
CA MET A 12 5.36 1.33 -5.46
C MET A 12 4.88 2.48 -4.56
N ILE A 13 4.50 2.16 -3.32
CA ILE A 13 4.03 3.16 -2.36
C ILE A 13 5.06 3.28 -1.26
N GLY A 14 5.78 4.40 -1.23
CA GLY A 14 6.85 4.59 -0.27
C GLY A 14 6.32 4.55 1.15
N GLU A 15 6.94 3.73 2.00
CA GLU A 15 6.43 3.47 3.34
C GLU A 15 6.93 4.45 4.40
N ARG A 16 7.89 5.29 4.05
CA ARG A 16 8.74 5.93 5.05
C ARG A 16 8.15 7.11 5.84
N ILE A 17 7.10 7.79 5.39
CA ILE A 17 6.67 8.91 6.25
C ILE A 17 5.53 8.37 7.10
N ASN A 18 5.96 7.90 8.25
CA ASN A 18 5.10 7.18 9.16
C ASN A 18 5.60 7.54 10.54
N GLY A 19 4.72 8.01 11.40
CA GLY A 19 5.12 8.45 12.72
C GLY A 19 5.66 7.37 13.63
N MET A 20 5.64 6.11 13.18
CA MET A 20 6.27 5.03 13.92
CA MET A 20 6.26 5.06 13.96
C MET A 20 7.79 5.23 13.96
N PHE A 21 8.33 5.87 12.93
CA PHE A 21 9.75 6.20 12.89
C PHE A 21 10.02 7.46 13.72
N LYS A 22 11.04 7.42 14.57
CA LYS A 22 11.33 8.56 15.43
C LYS A 22 11.50 9.90 14.70
N ASP A 23 12.28 9.93 13.62
CA ASP A 23 12.52 11.21 12.94
C ASP A 23 11.22 11.87 12.43
N ILE A 24 10.26 11.07 11.96
CA ILE A 24 8.97 11.60 11.54
C ILE A 24 8.16 12.07 12.75
N ARG A 25 8.19 11.28 13.81
CA ARG A 25 7.43 11.61 15.01
C ARG A 25 7.87 12.96 15.55
N GLU A 26 9.17 13.18 15.55
CA GLU A 26 9.73 14.41 16.10
C GLU A 26 9.51 15.62 15.21
N ALA A 27 9.54 15.41 13.89
CA ALA A 27 9.21 16.48 12.96
C ALA A 27 7.78 16.95 13.20
N ILE A 28 6.88 16.01 13.43
CA ILE A 28 5.49 16.35 13.70
C ILE A 28 5.38 17.14 15.02
N LEU A 29 6.03 16.63 16.07
CA LEU A 29 6.08 17.34 17.36
C LEU A 29 6.53 18.79 17.20
N ASN A 30 7.66 19.00 16.54
CA ASN A 30 8.24 20.33 16.40
C ASN A 30 7.62 21.13 15.27
N LYS A 31 6.70 20.52 14.54
CA LYS A 31 6.15 21.11 13.33
C LYS A 31 7.30 21.54 12.42
N ASP A 32 8.29 20.65 12.26
CA ASP A 32 9.40 20.88 11.35
C ASP A 32 9.15 20.14 10.04
N PRO A 33 8.85 20.89 8.98
CA PRO A 33 8.59 20.35 7.64
C PRO A 33 9.82 19.76 6.94
N ARG A 34 11.02 20.06 7.43
CA ARG A 34 12.23 19.59 6.76
C ARG A 34 12.38 18.06 6.63
N PRO A 35 12.22 17.32 7.73
CA PRO A 35 12.42 15.87 7.58
C PRO A 35 11.34 15.26 6.69
N ILE A 36 10.12 15.79 6.78
CA ILE A 36 9.02 15.34 5.96
C ILE A 36 9.34 15.55 4.49
N GLN A 37 9.79 16.76 4.16
CA GLN A 37 10.01 17.11 2.76
C GLN A 37 11.21 16.40 2.18
N GLU A 38 12.23 16.20 2.99
CA GLU A 38 13.36 15.39 2.53
C GLU A 38 12.92 13.97 2.17
N TRP A 39 12.14 13.34 3.04
CA TRP A 39 11.73 11.96 2.77
C TRP A 39 10.77 11.87 1.58
N ALA A 40 9.97 12.91 1.39
CA ALA A 40 9.09 12.95 0.22
C ALA A 40 9.93 12.95 -1.05
N ARG A 41 10.94 13.80 -1.06
CA ARG A 41 11.82 13.93 -2.21
C ARG A 41 12.62 12.67 -2.48
N ARG A 42 13.27 12.13 -1.44
CA ARG A 42 14.07 10.92 -1.57
CA ARG A 42 14.07 10.92 -1.58
C ARG A 42 13.27 9.77 -2.18
N GLN A 43 12.03 9.61 -1.71
CA GLN A 43 11.19 8.53 -2.20
C GLN A 43 10.73 8.79 -3.63
N ALA A 44 10.42 10.04 -3.94
CA ALA A 44 10.06 10.39 -5.31
C ALA A 44 11.21 10.06 -6.25
N GLU A 45 12.41 10.44 -5.83
CA GLU A 45 13.61 10.24 -6.63
C GLU A 45 13.84 8.77 -6.90
N LYS A 46 13.53 7.95 -5.88
CA LYS A 46 13.69 6.50 -5.97
C LYS A 46 12.59 5.85 -6.79
N GLY A 47 11.59 6.62 -7.19
CA GLY A 47 10.57 6.14 -8.10
C GLY A 47 9.19 5.80 -7.57
N ALA A 48 8.91 6.14 -6.31
CA ALA A 48 7.58 5.88 -5.75
C ALA A 48 6.46 6.49 -6.59
N HIS A 49 5.39 5.73 -6.79
CA HIS A 49 4.16 6.24 -7.40
C HIS A 49 3.23 6.95 -6.40
N TYR A 50 3.19 6.46 -5.16
CA TYR A 50 2.46 7.12 -4.07
C TYR A 50 3.37 7.22 -2.86
N LEU A 51 3.02 8.08 -1.92
CA LEU A 51 3.72 8.16 -0.66
C LEU A 51 2.75 7.85 0.47
N ASP A 52 3.03 6.82 1.28
CA ASP A 52 2.20 6.52 2.44
C ASP A 52 2.36 7.65 3.45
N VAL A 53 1.28 8.01 4.12
CA VAL A 53 1.31 9.05 5.16
CA VAL A 53 1.34 9.03 5.15
C VAL A 53 0.59 8.58 6.39
N ASN A 54 1.35 8.39 7.47
CA ASN A 54 0.79 7.84 8.70
C ASN A 54 1.26 8.69 9.88
N THR A 55 0.32 9.22 10.67
CA THR A 55 0.68 10.16 11.73
C THR A 55 1.53 9.51 12.82
N GLY A 56 1.33 8.21 13.03
CA GLY A 56 1.96 7.54 14.15
C GLY A 56 1.18 7.84 15.41
N PRO A 57 1.68 7.39 16.58
CA PRO A 57 1.02 7.71 17.84
C PRO A 57 1.16 9.19 18.12
N THR A 58 0.07 9.87 18.46
CA THR A 58 0.16 11.28 18.81
C THR A 58 -0.97 11.65 19.78
N ALA A 59 -0.70 12.59 20.68
CA ALA A 59 -1.77 13.15 21.51
C ALA A 59 -2.36 14.40 20.87
N ASP A 60 -1.76 14.82 19.76
CA ASP A 60 -2.25 15.94 18.96
C ASP A 60 -3.51 15.57 18.16
N ASP A 61 -4.26 16.56 17.69
CA ASP A 61 -5.41 16.28 16.85
C ASP A 61 -4.98 15.67 15.51
N PRO A 62 -5.39 14.42 15.26
CA PRO A 62 -4.93 13.70 14.07
C PRO A 62 -5.38 14.42 12.80
N VAL A 63 -6.48 15.15 12.86
CA VAL A 63 -6.96 15.86 11.69
C VAL A 63 -5.97 16.94 11.25
N ARG A 64 -5.48 17.72 12.21
CA ARG A 64 -4.49 18.77 11.93
C ARG A 64 -3.16 18.15 11.49
N VAL A 65 -2.76 17.09 12.17
CA VAL A 65 -1.51 16.42 11.81
C VAL A 65 -1.57 15.95 10.35
N MET A 66 -2.66 15.28 9.97
CA MET A 66 -2.78 14.75 8.61
C MET A 66 -2.79 15.86 7.54
N GLU A 67 -3.61 16.90 7.74
CA GLU A 67 -3.66 18.02 6.80
C GLU A 67 -2.27 18.57 6.60
N TRP A 68 -1.58 18.74 7.73
CA TRP A 68 -0.22 19.26 7.70
C TRP A 68 0.71 18.35 6.88
N LEU A 69 0.75 17.07 7.21
CA LEU A 69 1.62 16.17 6.48
C LEU A 69 1.38 16.25 4.97
N VAL A 70 0.13 16.14 4.58
CA VAL A 70 -0.26 16.10 3.18
C VAL A 70 0.16 17.37 2.44
N LYS A 71 -0.10 18.53 3.03
CA LYS A 71 0.30 19.78 2.38
C LYS A 71 1.81 19.95 2.33
N THR A 72 2.51 19.60 3.41
CA THR A 72 3.95 19.81 3.34
C THR A 72 4.63 18.84 2.38
N ILE A 73 4.08 17.63 2.24
CA ILE A 73 4.60 16.70 1.22
C ILE A 73 4.43 17.23 -0.20
N GLN A 74 3.18 17.56 -0.54
CA GLN A 74 2.82 17.91 -1.91
C GLN A 74 3.32 19.29 -2.32
N GLU A 75 3.86 20.02 -1.37
CA GLU A 75 4.47 21.31 -1.69
C GLU A 75 5.78 21.09 -2.45
N VAL A 76 6.56 20.09 -2.03
CA VAL A 76 7.85 19.81 -2.63
CA VAL A 76 7.85 19.83 -2.66
C VAL A 76 7.86 18.66 -3.66
N VAL A 77 6.74 17.97 -3.80
CA VAL A 77 6.73 16.78 -4.63
C VAL A 77 5.39 16.68 -5.34
N ASP A 78 5.39 16.28 -6.61
CA ASP A 78 4.08 16.02 -7.17
C ASP A 78 3.95 14.52 -7.20
N LEU A 79 3.26 14.01 -6.19
CA LEU A 79 2.88 12.61 -6.07
C LEU A 79 1.60 12.59 -5.27
N PRO A 80 0.73 11.62 -5.55
CA PRO A 80 -0.43 11.45 -4.69
C PRO A 80 -0.04 10.78 -3.37
N CYS A 81 -0.87 10.94 -2.35
CA CYS A 81 -0.63 10.34 -1.04
C CYS A 81 -1.52 9.13 -0.82
N CYS A 82 -0.97 8.14 -0.11
CA CYS A 82 -1.74 7.01 0.38
C CYS A 82 -1.99 7.32 1.85
N LEU A 83 -3.23 7.65 2.21
CA LEU A 83 -3.50 8.21 3.52
C LEU A 83 -3.76 7.07 4.48
N ASP A 84 -2.89 6.92 5.47
CA ASP A 84 -2.85 5.72 6.29
C ASP A 84 -3.25 6.11 7.71
N SER A 85 -4.49 5.79 8.10
CA SER A 85 -5.00 6.10 9.41
C SER A 85 -6.19 5.23 9.74
N THR A 86 -6.47 5.05 11.04
CA THR A 86 -7.66 4.33 11.49
C THR A 86 -8.78 5.32 11.79
N ASN A 87 -8.49 6.59 11.57
CA ASN A 87 -9.42 7.66 11.93
C ASN A 87 -10.00 8.27 10.67
N PRO A 88 -11.27 7.99 10.41
CA PRO A 88 -11.97 8.46 9.20
C PRO A 88 -12.00 9.98 9.07
N ASP A 89 -12.06 10.71 10.18
CA ASP A 89 -12.04 12.16 10.08
C ASP A 89 -10.67 12.64 9.64
N ALA A 90 -9.64 11.94 10.09
CA ALA A 90 -8.29 12.28 9.66
C ALA A 90 -8.16 12.03 8.15
N ILE A 91 -8.70 10.90 7.70
CA ILE A 91 -8.64 10.59 6.26
C ILE A 91 -9.38 11.65 5.45
N GLU A 92 -10.63 11.93 5.83
CA GLU A 92 -11.39 12.95 5.08
C GLU A 92 -10.68 14.29 5.02
N ALA A 93 -10.05 14.68 6.13
CA ALA A 93 -9.31 15.93 6.19
C ALA A 93 -8.14 15.97 5.21
N GLY A 94 -7.40 14.87 5.11
CA GLY A 94 -6.30 14.81 4.16
C GLY A 94 -6.80 14.89 2.73
N LEU A 95 -7.91 14.21 2.49
CA LEU A 95 -8.55 14.20 1.17
C LEU A 95 -9.00 15.59 0.72
N LYS A 96 -9.48 16.41 1.66
CA LYS A 96 -9.93 17.77 1.31
C LYS A 96 -8.78 18.66 0.89
N VAL A 97 -7.60 18.44 1.47
CA VAL A 97 -6.43 19.25 1.12
C VAL A 97 -5.53 18.63 0.05
N HIS A 98 -5.87 17.42 -0.40
CA HIS A 98 -5.03 16.64 -1.33
C HIS A 98 -5.16 17.13 -2.79
N ARG A 99 -4.03 17.31 -3.44
CA ARG A 99 -4.00 17.63 -4.87
C ARG A 99 -3.88 16.34 -5.68
N GLY A 100 -4.86 16.09 -6.54
CA GLY A 100 -4.85 14.89 -7.36
C GLY A 100 -5.64 13.79 -6.70
N HIS A 101 -5.54 12.58 -7.21
CA HIS A 101 -6.30 11.46 -6.69
C HIS A 101 -5.52 10.67 -5.65
N ALA A 102 -6.12 10.53 -4.47
CA ALA A 102 -5.45 9.92 -3.33
C ALA A 102 -5.74 8.43 -3.26
N MET A 103 -5.16 7.77 -2.26
CA MET A 103 -5.48 6.40 -1.94
C MET A 103 -5.78 6.34 -0.46
N ILE A 104 -6.83 5.61 -0.08
CA ILE A 104 -7.23 5.51 1.32
C ILE A 104 -6.80 4.18 1.95
N ASN A 105 -6.04 4.25 3.04
CA ASN A 105 -5.55 3.05 3.68
C ASN A 105 -5.90 3.09 5.15
N SER A 106 -6.85 2.28 5.57
CA SER A 106 -7.64 1.40 4.70
C SER A 106 -9.03 1.25 5.34
N THR A 107 -9.90 0.46 4.72
CA THR A 107 -11.08 -0.03 5.41
C THR A 107 -10.92 -1.52 5.66
N SER A 108 -11.48 -1.99 6.78
CA SER A 108 -11.56 -3.41 7.05
C SER A 108 -12.82 -3.98 6.40
N ALA A 109 -13.07 -5.26 6.63
CA ALA A 109 -14.29 -5.89 6.14
C ALA A 109 -15.42 -5.73 7.17
N ASP A 110 -15.16 -4.98 8.24
CA ASP A 110 -16.23 -4.64 9.19
C ASP A 110 -17.27 -3.76 8.49
N GLN A 111 -18.54 -4.16 8.56
CA GLN A 111 -19.61 -3.46 7.85
C GLN A 111 -19.66 -1.95 8.13
N TRP A 112 -19.51 -1.57 9.38
CA TRP A 112 -19.60 -0.15 9.68
C TRP A 112 -18.42 0.64 9.15
N LYS A 113 -17.28 -0.01 8.94
CA LYS A 113 -16.12 0.68 8.35
C LYS A 113 -16.32 0.83 6.86
N MET A 114 -16.72 -0.27 6.22
CA MET A 114 -17.03 -0.22 4.80
C MET A 114 -18.07 0.87 4.52
N ASP A 115 -19.06 0.97 5.40
CA ASP A 115 -20.16 1.91 5.23
C ASP A 115 -19.68 3.36 5.30
N ILE A 116 -18.69 3.59 6.14
CA ILE A 116 -18.07 4.92 6.21
C ILE A 116 -17.06 5.20 5.09
N PHE A 117 -16.15 4.26 4.84
CA PHE A 117 -15.02 4.54 3.96
C PHE A 117 -15.32 4.50 2.48
N PHE A 118 -16.17 3.56 2.05
CA PHE A 118 -16.47 3.46 0.63
C PHE A 118 -17.11 4.74 0.06
N PRO A 119 -18.07 5.33 0.78
CA PRO A 119 -18.66 6.57 0.25
C PRO A 119 -17.60 7.65 0.13
N MET A 120 -16.70 7.71 1.10
CA MET A 120 -15.61 8.67 1.08
C MET A 120 -14.74 8.52 -0.17
N ALA A 121 -14.44 7.28 -0.53
CA ALA A 121 -13.60 7.02 -1.70
C ALA A 121 -14.28 7.44 -3.00
N LYS A 122 -15.57 7.13 -3.13
CA LYS A 122 -16.30 7.57 -4.31
C LYS A 122 -16.39 9.10 -4.36
N LYS A 123 -16.83 9.70 -3.26
CA LYS A 123 -16.97 11.16 -3.20
C LYS A 123 -15.69 11.89 -3.63
N TYR A 124 -14.54 11.43 -3.15
CA TYR A 124 -13.27 12.12 -3.43
C TYR A 124 -12.50 11.54 -4.62
N GLU A 125 -13.08 10.53 -5.27
CA GLU A 125 -12.42 9.84 -6.38
C GLU A 125 -11.07 9.32 -5.94
N ALA A 126 -11.02 8.68 -4.77
CA ALA A 126 -9.77 8.07 -4.27
C ALA A 126 -9.78 6.56 -4.46
N ALA A 127 -8.61 5.97 -4.72
CA ALA A 127 -8.47 4.52 -4.62
C ALA A 127 -8.61 4.16 -3.14
N ILE A 128 -8.97 2.92 -2.85
CA ILE A 128 -9.11 2.51 -1.46
C ILE A 128 -8.58 1.08 -1.28
N ILE A 129 -7.81 0.87 -0.22
CA ILE A 129 -7.33 -0.46 0.17
C ILE A 129 -8.34 -1.05 1.14
N GLY A 130 -8.95 -2.19 0.80
CA GLY A 130 -9.57 -3.03 1.82
C GLY A 130 -8.68 -4.11 2.41
N LEU A 131 -8.77 -4.34 3.72
CA LEU A 131 -7.94 -5.36 4.36
C LEU A 131 -8.81 -6.57 4.55
N THR A 132 -8.25 -7.77 4.40
CA THR A 132 -9.13 -8.89 4.66
C THR A 132 -9.02 -9.24 6.14
N MET A 133 -9.98 -8.74 6.88
CA MET A 133 -10.10 -9.04 8.30
C MET A 133 -11.23 -8.21 8.87
N ASN A 134 -11.72 -8.66 10.01
CA ASN A 134 -12.76 -7.93 10.69
C ASN A 134 -12.56 -8.19 12.17
N GLU A 135 -13.48 -7.73 12.99
CA GLU A 135 -13.30 -7.75 14.43
C GLU A 135 -13.16 -9.16 15.01
N LYS A 136 -13.42 -10.18 14.20
CA LYS A 136 -13.14 -11.55 14.62
C LYS A 136 -11.68 -11.92 14.38
N GLY A 137 -10.92 -11.00 13.82
CA GLY A 137 -9.48 -11.16 13.61
C GLY A 137 -9.10 -11.46 12.17
N VAL A 138 -7.79 -11.53 11.92
CA VAL A 138 -7.29 -11.87 10.59
C VAL A 138 -7.32 -13.36 10.43
N PRO A 139 -7.97 -13.84 9.35
CA PRO A 139 -8.12 -15.30 9.18
C PRO A 139 -6.79 -15.97 8.88
N LYS A 140 -6.75 -17.27 9.07
CA LYS A 140 -5.56 -18.07 8.83
C LYS A 140 -5.48 -18.51 7.37
N ASP A 141 -6.43 -19.33 6.94
CA ASP A 141 -6.39 -19.92 5.61
C ASP A 141 -6.62 -18.89 4.51
N ALA A 142 -6.10 -19.18 3.33
CA ALA A 142 -6.42 -18.40 2.14
C ALA A 142 -7.95 -18.39 1.91
N ASN A 143 -8.60 -19.51 2.15
CA ASN A 143 -10.03 -19.58 1.90
C ASN A 143 -10.83 -18.62 2.76
N ASP A 144 -10.39 -18.46 4.01
CA ASP A 144 -11.06 -17.53 4.89
C ASP A 144 -10.75 -16.08 4.53
N ARG A 145 -9.50 -15.79 4.16
CA ARG A 145 -9.15 -14.46 3.66
C ARG A 145 -9.92 -14.10 2.38
N SER A 146 -10.03 -15.05 1.46
CA SER A 146 -10.72 -14.83 0.19
C SER A 146 -12.18 -14.51 0.39
N GLN A 147 -12.79 -15.16 1.38
CA GLN A 147 -14.17 -14.89 1.75
C GLN A 147 -14.37 -13.42 2.15
N LEU A 148 -13.39 -12.85 2.85
CA LEU A 148 -13.50 -11.44 3.22
C LEU A 148 -13.22 -10.52 2.02
N ALA A 149 -12.35 -10.95 1.13
CA ALA A 149 -12.09 -10.23 -0.13
C ALA A 149 -13.36 -10.06 -0.96
N MET A 150 -14.12 -11.14 -1.09
CA MET A 150 -15.38 -11.13 -1.84
C MET A 150 -16.37 -10.15 -1.24
N GLU A 151 -16.41 -10.12 0.08
CA GLU A 151 -17.28 -9.21 0.80
C GLU A 151 -16.87 -7.76 0.53
N LEU A 152 -15.57 -7.50 0.44
CA LEU A 152 -15.07 -6.17 0.14
C LEU A 152 -15.42 -5.78 -1.29
N VAL A 153 -15.23 -6.70 -2.22
CA VAL A 153 -15.58 -6.48 -3.61
C VAL A 153 -17.05 -6.10 -3.76
N ALA A 154 -17.91 -6.84 -3.08
CA ALA A 154 -19.35 -6.65 -3.19
C ALA A 154 -19.75 -5.27 -2.72
N ASN A 155 -19.25 -4.86 -1.56
CA ASN A 155 -19.53 -3.55 -1.01
C ASN A 155 -18.98 -2.43 -1.89
N ALA A 156 -17.77 -2.61 -2.41
CA ALA A 156 -17.16 -1.60 -3.25
C ALA A 156 -18.06 -1.36 -4.47
N ASP A 157 -18.40 -2.44 -5.14
CA ASP A 157 -19.27 -2.40 -6.31
C ASP A 157 -20.60 -1.70 -6.00
N ALA A 158 -21.20 -2.08 -4.89
CA ALA A 158 -22.48 -1.53 -4.47
C ALA A 158 -22.40 -0.03 -4.18
N HIS A 159 -21.21 0.47 -3.91
CA HIS A 159 -21.00 1.89 -3.71
C HIS A 159 -20.57 2.56 -5.00
N GLY A 160 -20.53 1.78 -6.07
CA GLY A 160 -20.16 2.30 -7.37
C GLY A 160 -18.66 2.50 -7.54
N ILE A 161 -17.86 1.77 -6.77
CA ILE A 161 -16.42 1.88 -6.93
C ILE A 161 -15.95 0.90 -7.97
N PRO A 162 -15.18 1.37 -8.96
CA PRO A 162 -14.63 0.51 -10.01
C PRO A 162 -13.60 -0.44 -9.41
N MET A 163 -13.47 -1.64 -9.96
CA MET A 163 -12.50 -2.60 -9.45
C MET A 163 -11.06 -2.14 -9.61
N THR A 164 -10.82 -1.26 -10.58
CA THR A 164 -9.48 -0.73 -10.79
C THR A 164 -9.12 0.29 -9.71
N GLU A 165 -10.10 0.65 -8.89
CA GLU A 165 -9.90 1.58 -7.77
C GLU A 165 -9.75 0.87 -6.44
N LEU A 166 -9.90 -0.45 -6.46
CA LEU A 166 -9.97 -1.22 -5.23
C LEU A 166 -8.73 -2.11 -5.09
N TYR A 167 -8.02 -1.95 -3.98
CA TYR A 167 -6.82 -2.74 -3.71
C TYR A 167 -7.04 -3.56 -2.45
N ILE A 168 -7.12 -4.87 -2.60
CA ILE A 168 -7.37 -5.76 -1.49
C ILE A 168 -6.05 -6.17 -0.86
N ASP A 169 -5.96 -6.03 0.47
CA ASP A 169 -4.76 -6.38 1.24
C ASP A 169 -5.03 -7.61 2.11
N PRO A 170 -4.40 -8.75 1.76
CA PRO A 170 -4.40 -10.08 2.40
C PRO A 170 -3.73 -10.11 3.78
N LEU A 171 -3.03 -9.04 4.15
CA LEU A 171 -2.35 -8.99 5.46
C LEU A 171 -1.20 -9.97 5.73
N ILE A 172 -0.04 -9.67 5.15
CA ILE A 172 1.17 -10.42 5.48
C ILE A 172 1.68 -10.18 6.92
N LEU A 173 2.06 -11.27 7.58
CA LEU A 173 2.57 -11.24 8.96
C LEU A 173 4.02 -11.74 8.98
N PRO A 174 4.79 -11.42 10.04
CA PRO A 174 6.22 -11.75 10.07
C PRO A 174 6.49 -13.25 9.98
N VAL A 175 7.49 -13.70 9.20
CA VAL A 175 7.75 -15.13 9.05
C VAL A 175 8.25 -15.79 10.30
N ASN A 176 8.91 -15.05 11.18
CA ASN A 176 9.40 -15.69 12.39
C ASN A 176 8.27 -16.19 13.29
N VAL A 177 7.37 -15.29 13.68
CA VAL A 177 6.21 -15.68 14.51
C VAL A 177 4.99 -16.23 13.75
N ALA A 178 4.82 -15.72 12.54
CA ALA A 178 3.71 -16.01 11.62
C ALA A 178 3.87 -16.98 10.43
N GLN A 179 4.96 -17.74 10.37
CA GLN A 179 5.47 -18.29 9.11
C GLN A 179 4.42 -18.87 8.17
N GLU A 180 3.50 -19.65 8.70
CA GLU A 180 2.53 -20.35 7.86
CA GLU A 180 2.50 -20.35 7.90
C GLU A 180 1.58 -19.42 7.08
N HIS A 181 1.52 -18.14 7.47
CA HIS A 181 0.64 -17.20 6.75
C HIS A 181 1.18 -16.81 5.38
N ALA A 182 2.49 -16.77 5.22
CA ALA A 182 3.07 -16.16 4.02
C ALA A 182 2.61 -16.88 2.75
N VAL A 183 2.49 -18.20 2.81
CA VAL A 183 2.02 -18.96 1.66
C VAL A 183 0.50 -18.88 1.48
N GLU A 184 -0.25 -18.78 2.58
CA GLU A 184 -1.69 -18.53 2.47
C GLU A 184 -1.96 -17.16 1.80
N VAL A 185 -1.12 -16.17 2.09
CA VAL A 185 -1.31 -14.83 1.50
C VAL A 185 -1.08 -14.89 -0.01
N LEU A 186 -0.06 -15.65 -0.43
CA LEU A 186 0.23 -15.83 -1.84
C LEU A 186 -0.95 -16.40 -2.59
N GLU A 187 -1.57 -17.44 -2.02
CA GLU A 187 -2.74 -18.06 -2.63
C GLU A 187 -3.94 -17.10 -2.64
N THR A 188 -4.09 -16.27 -1.61
CA THR A 188 -5.17 -15.27 -1.56
C THR A 188 -5.03 -14.26 -2.70
N ILE A 189 -3.81 -13.79 -2.91
CA ILE A 189 -3.53 -12.88 -4.04
C ILE A 189 -4.02 -13.50 -5.36
N ARG A 190 -3.66 -14.76 -5.60
CA ARG A 190 -4.10 -15.51 -6.77
C ARG A 190 -5.62 -15.57 -6.90
N GLN A 191 -6.30 -15.86 -5.81
CA GLN A 191 -7.75 -15.94 -5.82
C GLN A 191 -8.44 -14.59 -6.05
N ILE A 192 -7.91 -13.51 -5.46
CA ILE A 192 -8.52 -12.19 -5.63
C ILE A 192 -8.56 -11.79 -7.10
N LYS A 193 -7.49 -12.14 -7.82
CA LYS A 193 -7.36 -11.74 -9.22
C LYS A 193 -8.43 -12.38 -10.09
N LEU A 194 -9.16 -13.34 -9.52
CA LEU A 194 -10.19 -14.08 -10.23
C LEU A 194 -11.62 -13.60 -10.00
N MET A 195 -11.80 -12.63 -9.12
CA MET A 195 -13.12 -12.39 -8.56
C MET A 195 -13.99 -11.45 -9.39
N ALA A 196 -13.45 -10.93 -10.48
CA ALA A 196 -14.21 -10.04 -11.35
C ALA A 196 -13.41 -9.61 -12.55
N ASN A 197 -14.13 -9.13 -13.57
CA ASN A 197 -13.53 -8.44 -14.72
C ASN A 197 -14.02 -7.00 -14.92
N PRO A 198 -13.11 -6.02 -14.81
CA PRO A 198 -11.71 -6.25 -14.50
C PRO A 198 -11.57 -6.68 -13.05
N ALA A 199 -10.42 -7.26 -12.69
CA ALA A 199 -10.22 -7.81 -11.35
C ALA A 199 -9.93 -6.69 -10.37
N PRO A 200 -10.23 -6.92 -9.07
CA PRO A 200 -9.71 -6.01 -8.06
C PRO A 200 -8.19 -6.07 -8.11
N ARG A 201 -7.54 -4.99 -7.68
CA ARG A 201 -6.10 -5.04 -7.56
C ARG A 201 -5.76 -5.62 -6.17
N THR A 202 -4.46 -5.79 -5.93
CA THR A 202 -3.97 -6.37 -4.69
C THR A 202 -2.80 -5.54 -4.20
N VAL A 203 -2.63 -5.47 -2.87
CA VAL A 203 -1.54 -4.70 -2.28
C VAL A 203 -1.08 -5.39 -0.97
N LEU A 204 0.18 -5.19 -0.58
CA LEU A 204 0.66 -5.70 0.71
C LEU A 204 1.41 -4.59 1.41
N GLY A 205 1.26 -4.41 2.73
CA GLY A 205 2.34 -3.70 3.39
C GLY A 205 3.48 -4.71 3.45
N LEU A 206 4.54 -4.51 2.69
CA LEU A 206 5.46 -5.63 2.44
C LEU A 206 6.37 -5.91 3.64
N SER A 207 6.86 -4.83 4.24
CA SER A 207 7.88 -4.92 5.28
C SER A 207 7.43 -5.71 6.52
N ASN A 208 6.12 -5.89 6.65
CA ASN A 208 5.58 -6.70 7.74
C ASN A 208 6.01 -8.16 7.71
N VAL A 209 6.43 -8.66 6.55
CA VAL A 209 6.79 -10.07 6.44
C VAL A 209 8.06 -10.34 7.24
N SER A 210 8.92 -9.32 7.31
CA SER A 210 10.18 -9.37 8.05
C SER A 210 10.29 -8.71 9.43
N GLN A 211 9.22 -8.11 9.96
CA GLN A 211 9.40 -7.29 11.16
C GLN A 211 10.04 -8.11 12.29
N LYS A 212 11.14 -7.59 12.85
CA LYS A 212 11.89 -8.28 13.89
C LYS A 212 12.46 -9.64 13.49
N CYS A 213 12.94 -9.74 12.25
CA CYS A 213 13.64 -10.93 11.78
C CYS A 213 15.06 -10.53 11.37
N PRO A 214 15.99 -11.50 11.34
CA PRO A 214 17.42 -11.21 11.13
C PRO A 214 17.91 -10.54 9.83
N ASP A 215 17.57 -11.02 8.64
CA ASP A 215 18.04 -10.28 7.47
C ASP A 215 16.74 -9.82 6.87
N ARG A 216 16.37 -8.57 7.14
CA ARG A 216 15.09 -8.09 6.66
C ARG A 216 15.11 -7.90 5.15
N PRO A 217 16.18 -7.29 4.64
CA PRO A 217 16.21 -6.97 3.21
C PRO A 217 16.05 -8.24 2.35
N LEU A 218 16.73 -9.32 2.71
CA LEU A 218 16.64 -10.57 1.94
C LEU A 218 15.23 -11.15 1.97
N ILE A 219 14.63 -11.17 3.15
CA ILE A 219 13.29 -11.74 3.27
C ILE A 219 12.25 -10.90 2.52
N ASN A 220 12.35 -9.57 2.68
CA ASN A 220 11.46 -8.63 2.00
C ASN A 220 11.47 -8.85 0.48
N ARG A 221 12.67 -8.89 -0.11
CA ARG A 221 12.77 -8.95 -1.58
C ARG A 221 12.43 -10.33 -2.13
N THR A 222 12.73 -11.38 -1.37
CA THR A 222 12.31 -12.72 -1.76
C THR A 222 10.80 -12.78 -1.79
N TYR A 223 10.15 -12.31 -0.74
CA TYR A 223 8.70 -12.43 -0.71
C TYR A 223 8.01 -11.52 -1.76
N LEU A 224 8.54 -10.33 -2.00
CA LEU A 224 7.94 -9.47 -3.02
C LEU A 224 7.94 -10.18 -4.39
N VAL A 225 9.05 -10.85 -4.69
CA VAL A 225 9.12 -11.57 -5.95
C VAL A 225 8.07 -12.68 -6.00
N MET A 226 7.93 -13.42 -4.91
CA MET A 226 6.90 -14.46 -4.84
C MET A 226 5.49 -13.89 -4.99
N ALA A 227 5.24 -12.78 -4.31
CA ALA A 227 3.92 -12.17 -4.36
C ALA A 227 3.60 -11.62 -5.77
N MET A 228 4.60 -11.01 -6.41
CA MET A 228 4.42 -10.54 -7.78
C MET A 228 4.09 -11.71 -8.73
N THR A 229 4.72 -12.85 -8.51
CA THR A 229 4.48 -14.04 -9.33
C THR A 229 3.05 -14.48 -9.14
N ALA A 230 2.55 -14.31 -7.91
CA ALA A 230 1.18 -14.68 -7.59
C ALA A 230 0.13 -13.70 -8.14
N GLY A 231 0.59 -12.58 -8.70
CA GLY A 231 -0.31 -11.52 -9.14
C GLY A 231 -0.39 -10.19 -8.40
N LEU A 232 0.55 -9.91 -7.49
CA LEU A 232 0.53 -8.64 -6.75
C LEU A 232 0.66 -7.39 -7.64
N ASP A 233 -0.29 -6.46 -7.50
CA ASP A 233 -0.27 -5.16 -8.20
C ASP A 233 0.54 -4.02 -7.59
N ALA A 234 0.63 -4.01 -6.26
CA ALA A 234 1.17 -2.88 -5.54
C ALA A 234 1.72 -3.30 -4.19
N ALA A 235 2.69 -2.54 -3.68
CA ALA A 235 3.16 -2.75 -2.32
C ALA A 235 3.54 -1.44 -1.63
N ILE A 236 3.17 -1.33 -0.36
CA ILE A 236 3.76 -0.33 0.51
C ILE A 236 5.09 -0.94 0.94
N MET A 237 6.19 -0.25 0.66
CA MET A 237 7.51 -0.87 0.67
C MET A 237 8.61 0.16 0.87
N ASP A 238 9.83 -0.27 1.14
CA ASP A 238 10.91 0.70 1.26
C ASP A 238 11.54 0.88 -0.13
N VAL A 239 11.26 2.03 -0.74
CA VAL A 239 11.70 2.29 -2.10
C VAL A 239 13.14 2.75 -2.06
N ASP A 240 13.64 2.96 -0.84
CA ASP A 240 15.02 3.36 -0.63
C ASP A 240 15.95 2.15 -0.65
N ASP A 241 15.36 0.95 -0.71
CA ASP A 241 16.16 -0.28 -0.73
C ASP A 241 16.39 -0.62 -2.20
N ASP A 242 17.62 -0.42 -2.67
CA ASP A 242 17.90 -0.54 -4.09
C ASP A 242 17.84 -2.00 -4.52
N ALA A 243 18.23 -2.91 -3.63
CA ALA A 243 18.17 -4.35 -3.91
C ALA A 243 16.74 -4.80 -4.07
N LEU A 244 15.84 -4.22 -3.27
CA LEU A 244 14.43 -4.58 -3.33
C LEU A 244 13.81 -4.14 -4.64
N VAL A 245 14.10 -2.91 -5.03
CA VAL A 245 13.53 -2.34 -6.26
C VAL A 245 14.16 -3.05 -7.48
N ASP A 246 15.45 -3.35 -7.40
CA ASP A 246 16.11 -4.21 -8.40
C ASP A 246 15.36 -5.55 -8.59
N ALA A 247 14.98 -6.18 -7.48
CA ALA A 247 14.27 -7.46 -7.56
C ALA A 247 12.91 -7.31 -8.22
N ALA A 248 12.18 -6.25 -7.86
CA ALA A 248 10.84 -6.04 -8.41
C ALA A 248 10.94 -5.78 -9.91
N ALA A 249 11.94 -4.99 -10.31
CA ALA A 249 12.16 -4.66 -11.71
C ALA A 249 12.44 -5.93 -12.50
N THR A 250 13.26 -6.80 -11.94
CA THR A 250 13.64 -8.05 -12.61
C THR A 250 12.42 -8.97 -12.75
N ALA A 251 11.63 -9.07 -11.69
CA ALA A 251 10.39 -9.87 -11.75
C ALA A 251 9.39 -9.34 -12.76
N HIS A 252 9.30 -8.01 -12.86
CA HIS A 252 8.36 -7.37 -13.77
C HIS A 252 8.75 -7.75 -15.22
N ILE A 253 10.04 -7.76 -15.50
CA ILE A 253 10.56 -8.19 -16.79
C ILE A 253 10.28 -9.68 -17.07
N LEU A 254 10.55 -10.52 -16.08
CA LEU A 254 10.36 -11.97 -16.24
C LEU A 254 8.89 -12.31 -16.38
N LEU A 255 8.02 -11.44 -15.85
CA LEU A 255 6.57 -11.58 -16.03
C LEU A 255 6.09 -11.12 -17.43
N ASN A 256 6.99 -10.55 -18.23
CA ASN A 256 6.65 -10.02 -19.57
C ASN A 256 5.69 -8.81 -19.53
N LYS A 257 5.77 -8.02 -18.47
CA LYS A 257 4.88 -6.85 -18.34
C LYS A 257 5.49 -5.57 -18.89
N GLU A 258 6.78 -5.64 -19.19
CA GLU A 258 7.53 -4.56 -19.81
C GLU A 258 8.56 -5.23 -20.70
N ILE A 259 8.81 -4.63 -21.87
CA ILE A 259 9.77 -5.18 -22.83
C ILE A 259 11.20 -5.12 -22.31
N TYR A 260 11.93 -6.22 -22.44
CA TYR A 260 13.30 -6.27 -21.95
C TYR A 260 14.24 -5.33 -22.67
N CYS A 261 15.16 -4.74 -21.92
CA CYS A 261 16.33 -4.07 -22.49
C CYS A 261 17.43 -4.09 -21.43
N ASP A 262 18.68 -3.96 -21.87
CA ASP A 262 19.81 -4.06 -20.94
C ASP A 262 19.72 -3.05 -19.82
N SER A 263 18.99 -1.97 -20.07
CA SER A 263 18.85 -0.86 -19.11
C SER A 263 17.61 -0.97 -18.20
N TYR A 264 16.93 -2.12 -18.24
CA TYR A 264 15.63 -2.29 -17.59
C TYR A 264 15.57 -1.89 -16.11
N LEU A 265 16.67 -2.00 -15.38
CA LEU A 265 16.64 -1.60 -13.97
C LEU A 265 16.32 -0.10 -13.87
N LYS A 266 16.97 0.68 -14.73
CA LYS A 266 16.79 2.13 -14.73
C LYS A 266 15.42 2.50 -15.29
N THR A 267 15.03 1.81 -16.35
CA THR A 267 13.75 2.07 -17.00
C THR A 267 12.55 1.80 -16.09
N PHE A 268 12.63 0.71 -15.33
CA PHE A 268 11.56 0.35 -14.39
C PHE A 268 11.29 1.50 -13.43
N ARG A 269 12.37 2.17 -13.02
CA ARG A 269 12.27 3.22 -12.01
C ARG A 269 11.60 4.50 -12.50
N GLN A 270 11.73 4.79 -13.79
CA GLN A 270 11.12 5.98 -14.35
C GLN A 270 9.70 5.68 -14.84
N LYS A 271 9.28 4.42 -14.62
CA LYS A 271 7.89 3.96 -14.80
C LYS A 271 7.67 3.13 -16.08
S SO4 B . -3.81 8.43 16.05
O1 SO4 B . -3.73 8.69 14.60
O2 SO4 B . -4.03 9.67 16.79
O3 SO4 B . -4.88 7.49 16.32
O4 SO4 B . -2.55 7.87 16.52
S SO4 C . -7.37 15.44 20.36
O1 SO4 C . -8.26 16.37 19.65
O2 SO4 C . -7.95 15.13 21.67
O3 SO4 C . -7.25 14.21 19.60
O4 SO4 C . -6.05 16.04 20.55
S SO4 D . 0.66 26.07 8.77
O1 SO4 D . 1.90 26.83 8.65
O2 SO4 D . -0.24 26.77 9.68
O3 SO4 D . 0.01 25.94 7.47
O4 SO4 D . 0.97 24.74 9.31
S SO4 E . -7.22 19.08 -7.18
O1 SO4 E . -7.16 20.00 -6.05
O2 SO4 E . -8.10 17.96 -6.84
O3 SO4 E . -5.88 18.59 -7.50
O4 SO4 E . -7.76 19.76 -8.37
C1 GOL F . -3.89 13.10 -10.40
O1 GOL F . -5.10 12.58 -9.88
C2 GOL F . -2.76 12.41 -9.68
O2 GOL F . -3.29 11.76 -8.54
C3 GOL F . -1.77 13.46 -9.21
O3 GOL F . -0.50 12.85 -9.05
C1 GOL G . 4.41 -6.74 -22.70
O1 GOL G . 3.69 -5.52 -22.76
C2 GOL G . 5.50 -6.77 -23.76
O2 GOL G . 5.07 -7.52 -24.89
C3 GOL G . 6.76 -7.39 -23.17
O3 GOL G . 7.51 -8.02 -24.19
C1 GOL H . 14.01 -3.13 6.53
O1 GOL H . 12.68 -3.31 6.07
C2 GOL H . 14.79 -2.16 5.65
O2 GOL H . 14.09 -1.83 4.46
C3 GOL H . 16.14 -2.78 5.30
O3 GOL H . 16.61 -2.32 4.03
S SO4 I . 19.25 -0.52 -23.69
O1 SO4 I . 18.74 -1.77 -24.27
O2 SO4 I . 20.37 -0.82 -22.80
O3 SO4 I . 19.69 0.35 -24.77
O4 SO4 I . 18.19 0.12 -22.93
N1 C2F J . -0.88 -0.59 5.32
C2 C2F J . -1.42 -1.72 4.79
NA2 C2F J . -2.42 -1.60 3.88
N3 C2F J . -1.00 -2.95 5.13
C4 C2F J . -0.04 -3.15 6.03
O4 C2F J . 0.29 -4.32 6.31
C4A C2F J . 0.62 -1.96 6.66
N5 C2F J . 1.66 -2.09 7.61
C6 C2F J . 2.46 -0.86 7.71
C7 C2F J . 1.61 0.41 7.81
N8 C2F J . 0.64 0.50 6.73
C8A C2F J . 0.12 -0.64 6.22
C9 C2F J . 3.39 -0.78 6.50
N10 C2F J . 4.42 0.20 6.77
C11 C2F J . 1.08 -2.35 8.94
C12 C2F J . 7.82 -0.69 8.99
C13 C2F J . 6.92 -1.71 8.69
C14 C2F J . 5.77 -1.41 7.95
C15 C2F J . 5.53 -0.11 7.51
C16 C2F J . 6.43 0.90 7.82
C17 C2F J . 7.56 0.60 8.56
C C2F J . 9.06 -0.96 9.80
O C2F J . 9.82 -1.84 9.44
N C2F J . 9.30 -0.23 10.90
CA C2F J . 10.62 -0.08 11.51
CB C2F J . 10.64 1.22 12.32
CG C2F J . 12.05 1.68 12.65
CD C2F J . 12.01 2.76 13.70
OE1 C2F J . 12.92 3.62 13.73
OE2 C2F J . 11.07 2.77 14.53
CT C2F J . 10.98 -1.23 12.41
O1 C2F J . 12.15 -1.69 12.38
O2 C2F J . 10.10 -1.70 13.18
#